data_1NRF
#
_entry.id   1NRF
#
_cell.length_a   45.848
_cell.length_b   45.848
_cell.length_c   130.198
_cell.angle_alpha   90.00
_cell.angle_beta   90.00
_cell.angle_gamma   90.00
#
_symmetry.space_group_name_H-M   'P 41'
#
loop_
_entity.id
_entity.type
_entity.pdbx_description
1 polymer 'REGULATORY PROTEIN BLAR1'
2 water water
#
_entity_poly.entity_id   1
_entity_poly.type   'polypeptide(L)'
_entity_poly.pdbx_seq_one_letter_code
;QEGTSPMQKETRFLPGTNVEYEDYSTFFDKFSASGGFVLFNSNRKKYTIYNRKESTSRFAPASTYKVFSALLALESGIIT
KNDSHMTWDGTQYPYKEWNQDQDLFSAMSSSTTWYFQKLDRQIGEDHLRHYLKSIHYGNEDFSVPADYWLDGSLQISPLE
QVNILKKFYDNEFDFKQSNIETVKDSIRLEESNGRVLSGKTGTSVINGELHAGWFIGYVETADNTFFFAVHIQGEKRAAG
SSAAEIALSILDKKGIYPSVSR
;
_entity_poly.pdbx_strand_id   A
#
# COMPACT_ATOMS: atom_id res chain seq x y z
N PHE A 13 -7.65 4.73 14.65
CA PHE A 13 -8.64 5.82 14.96
C PHE A 13 -7.98 7.02 15.61
N LEU A 14 -7.51 7.93 14.76
CA LEU A 14 -6.83 9.15 15.20
C LEU A 14 -7.62 9.90 16.28
N PRO A 15 -6.91 10.52 17.22
CA PRO A 15 -7.61 11.26 18.28
C PRO A 15 -8.30 12.50 17.69
N GLY A 16 -9.58 12.65 18.01
CA GLY A 16 -10.34 13.78 17.51
C GLY A 16 -11.08 13.44 16.24
N THR A 17 -11.68 12.25 16.18
CA THR A 17 -12.41 11.79 15.01
C THR A 17 -13.69 11.03 15.37
N ASN A 18 -14.44 10.62 14.36
CA ASN A 18 -15.68 9.86 14.56
C ASN A 18 -15.75 8.74 13.50
N VAL A 19 -16.45 7.65 13.83
CA VAL A 19 -16.56 6.52 12.93
C VAL A 19 -17.98 6.19 12.48
N GLU A 20 -18.11 5.74 11.25
CA GLU A 20 -19.38 5.37 10.65
C GLU A 20 -19.24 3.97 10.07
N TYR A 21 -20.31 3.19 10.08
CA TYR A 21 -20.24 1.84 9.56
C TYR A 21 -21.21 1.66 8.41
N GLU A 22 -20.78 0.92 7.39
CA GLU A 22 -21.62 0.66 6.22
C GLU A 22 -21.42 -0.75 5.71
N ASP A 23 -22.36 -1.19 4.88
CA ASP A 23 -22.30 -2.54 4.34
C ASP A 23 -21.98 -2.50 2.85
N TYR A 24 -20.88 -3.15 2.47
CA TYR A 24 -20.47 -3.20 1.07
C TYR A 24 -20.24 -4.63 0.63
N SER A 25 -20.81 -5.57 1.40
CA SER A 25 -20.69 -6.99 1.11
C SER A 25 -20.82 -7.32 -0.38
N THR A 26 -21.91 -6.84 -0.99
CA THR A 26 -22.18 -7.09 -2.40
C THR A 26 -21.02 -6.73 -3.33
N PHE A 27 -20.26 -5.70 -2.96
CA PHE A 27 -19.11 -5.30 -3.77
C PHE A 27 -18.01 -6.34 -3.64
N PHE A 28 -17.92 -6.97 -2.47
CA PHE A 28 -16.93 -8.00 -2.23
C PHE A 28 -17.42 -9.32 -2.83
N ASP A 29 -18.73 -9.54 -2.77
CA ASP A 29 -19.36 -10.75 -3.32
C ASP A 29 -19.07 -10.91 -4.80
N LYS A 30 -19.03 -9.79 -5.52
CA LYS A 30 -18.80 -9.81 -6.97
C LYS A 30 -17.50 -10.50 -7.36
N PHE A 31 -16.55 -10.54 -6.44
CA PHE A 31 -15.26 -11.17 -6.70
C PHE A 31 -15.05 -12.41 -5.84
N SER A 32 -16.15 -12.99 -5.37
CA SER A 32 -16.11 -14.18 -4.53
C SER A 32 -15.09 -13.98 -3.42
N ALA A 33 -15.09 -12.78 -2.86
CA ALA A 33 -14.16 -12.43 -1.79
C ALA A 33 -14.81 -11.87 -0.54
N SER A 34 -14.05 -11.87 0.55
CA SER A 34 -14.49 -11.32 1.81
C SER A 34 -13.34 -10.43 2.26
N GLY A 35 -13.64 -9.39 3.03
CA GLY A 35 -12.58 -8.50 3.47
C GLY A 35 -13.12 -7.26 4.14
N GLY A 36 -12.34 -6.18 4.08
CA GLY A 36 -12.77 -4.96 4.71
C GLY A 36 -12.50 -3.72 3.89
N PHE A 37 -13.06 -2.62 4.36
CA PHE A 37 -12.92 -1.33 3.69
C PHE A 37 -12.85 -0.21 4.71
N VAL A 38 -11.78 0.57 4.65
CA VAL A 38 -11.62 1.71 5.52
C VAL A 38 -11.43 2.95 4.66
N LEU A 39 -12.27 3.96 4.86
CA LEU A 39 -12.16 5.22 4.15
C LEU A 39 -12.07 6.34 5.19
N PHE A 40 -11.21 7.33 4.95
CA PHE A 40 -11.08 8.44 5.89
C PHE A 40 -11.24 9.82 5.24
N ASN A 41 -12.25 10.55 5.70
CA ASN A 41 -12.54 11.90 5.21
C ASN A 41 -11.79 12.91 6.09
N SER A 42 -10.74 13.51 5.54
CA SER A 42 -9.92 14.47 6.28
C SER A 42 -10.70 15.64 6.86
N ASN A 43 -11.47 16.31 6.01
CA ASN A 43 -12.27 17.46 6.43
C ASN A 43 -13.30 17.10 7.48
N ARG A 44 -14.00 16.00 7.27
CA ARG A 44 -15.03 15.55 8.19
C ARG A 44 -14.44 14.71 9.32
N LYS A 45 -13.12 14.48 9.26
CA LYS A 45 -12.44 13.65 10.27
C LYS A 45 -13.32 12.44 10.54
N LYS A 46 -13.86 11.86 9.48
CA LYS A 46 -14.73 10.70 9.61
C LYS A 46 -14.24 9.45 8.90
N TYR A 47 -14.38 8.32 9.58
CA TYR A 47 -14.02 7.04 9.03
C TYR A 47 -15.30 6.35 8.62
N THR A 48 -15.28 5.75 7.43
CA THR A 48 -16.42 4.99 6.96
C THR A 48 -15.82 3.61 6.76
N ILE A 49 -16.29 2.63 7.51
CA ILE A 49 -15.74 1.30 7.37
C ILE A 49 -16.71 0.15 7.32
N TYR A 50 -16.38 -0.80 6.46
CA TYR A 50 -17.15 -2.02 6.29
C TYR A 50 -16.35 -3.16 6.89
N ASN A 51 -17.01 -3.97 7.72
CA ASN A 51 -16.42 -5.13 8.38
C ASN A 51 -15.32 -4.70 9.35
N ARG A 52 -15.72 -4.24 10.53
CA ARG A 52 -14.78 -3.76 11.54
C ARG A 52 -13.70 -4.77 11.92
N LYS A 53 -14.06 -6.05 11.96
CA LYS A 53 -13.12 -7.10 12.34
C LYS A 53 -11.92 -7.15 11.39
N GLU A 54 -12.19 -7.25 10.09
CA GLU A 54 -11.14 -7.30 9.08
C GLU A 54 -10.33 -6.00 9.08
N SER A 55 -11.04 -4.89 9.18
CA SER A 55 -10.44 -3.57 9.17
C SER A 55 -9.47 -3.31 10.32
N THR A 56 -9.54 -4.14 11.36
CA THR A 56 -8.68 -3.97 12.52
C THR A 56 -7.74 -5.17 12.71
N SER A 57 -7.85 -6.14 11.82
CA SER A 57 -6.98 -7.31 11.87
C SER A 57 -5.77 -7.01 11.02
N ARG A 58 -4.59 -7.43 11.48
CA ARG A 58 -3.36 -7.20 10.74
C ARG A 58 -3.05 -8.34 9.80
N PHE A 59 -2.41 -8.02 8.68
CA PHE A 59 -2.05 -9.01 7.69
C PHE A 59 -0.70 -8.62 7.12
N ALA A 60 -0.06 -9.55 6.41
CA ALA A 60 1.22 -9.21 5.81
C ALA A 60 0.91 -8.07 4.81
N PRO A 61 1.70 -7.00 4.85
CA PRO A 61 1.47 -5.86 3.95
C PRO A 61 1.71 -6.15 2.46
N ALA A 62 2.60 -7.10 2.19
CA ALA A 62 2.94 -7.47 0.81
C ALA A 62 3.39 -6.24 0.01
N SER A 63 3.15 -6.23 -1.29
CA SER A 63 3.57 -5.07 -2.09
C SER A 63 3.07 -3.69 -1.62
N THR A 64 2.12 -3.62 -0.68
CA THR A 64 1.67 -2.30 -0.23
C THR A 64 2.79 -1.59 0.50
N TYR A 65 3.72 -2.38 1.05
CA TYR A 65 4.82 -1.84 1.82
C TYR A 65 5.91 -1.15 0.98
N LYS A 66 5.93 -1.43 -0.32
CA LYS A 66 6.93 -0.85 -1.24
C LYS A 66 6.97 0.68 -1.18
N VAL A 67 5.84 1.30 -0.83
CA VAL A 67 5.76 2.75 -0.71
C VAL A 67 6.74 3.25 0.36
N PHE A 68 6.76 2.56 1.50
CA PHE A 68 7.65 2.95 2.58
C PHE A 68 9.05 2.43 2.35
N SER A 69 9.16 1.32 1.63
CA SER A 69 10.46 0.76 1.31
C SER A 69 11.18 1.79 0.44
N ALA A 70 10.44 2.33 -0.52
CA ALA A 70 10.96 3.34 -1.44
C ALA A 70 11.38 4.62 -0.73
N LEU A 71 10.60 5.00 0.28
CA LEU A 71 10.86 6.22 1.04
C LEU A 71 12.16 6.12 1.85
N LEU A 72 12.41 4.95 2.44
CA LEU A 72 13.61 4.76 3.22
C LEU A 72 14.80 4.78 2.27
N ALA A 73 14.66 4.13 1.12
CA ALA A 73 15.73 4.07 0.11
C ALA A 73 16.17 5.47 -0.33
N LEU A 74 15.20 6.34 -0.55
CA LEU A 74 15.49 7.72 -0.97
C LEU A 74 16.17 8.49 0.17
N GLU A 75 15.58 8.40 1.36
CA GLU A 75 16.10 9.07 2.54
C GLU A 75 17.52 8.68 2.88
N SER A 76 17.93 7.48 2.48
CA SER A 76 19.27 6.96 2.74
C SER A 76 20.27 7.33 1.65
N GLY A 77 19.76 7.80 0.51
CA GLY A 77 20.64 8.15 -0.59
C GLY A 77 20.91 6.94 -1.47
N ILE A 78 20.28 5.82 -1.16
CA ILE A 78 20.47 4.60 -1.94
C ILE A 78 20.03 4.81 -3.39
N ILE A 79 19.08 5.72 -3.59
CA ILE A 79 18.56 6.07 -4.91
C ILE A 79 18.11 7.52 -4.86
N THR A 80 17.94 8.13 -6.03
CA THR A 80 17.50 9.52 -6.12
C THR A 80 16.45 9.67 -7.20
N LYS A 81 15.72 10.78 -7.17
CA LYS A 81 14.68 11.07 -8.16
C LYS A 81 15.22 10.88 -9.57
N ASN A 82 16.45 11.32 -9.80
CA ASN A 82 17.09 11.25 -11.10
C ASN A 82 17.69 9.89 -11.45
N ASP A 83 18.43 9.30 -10.52
CA ASP A 83 19.02 7.99 -10.80
C ASP A 83 18.48 6.91 -9.86
N SER A 84 17.62 6.06 -10.40
CA SER A 84 17.04 4.98 -9.62
C SER A 84 17.09 3.71 -10.47
N HIS A 85 17.75 3.81 -11.62
CA HIS A 85 17.88 2.69 -12.54
C HIS A 85 18.62 1.52 -11.88
N MET A 86 18.22 0.30 -12.23
CA MET A 86 18.82 -0.89 -11.65
C MET A 86 18.75 -2.03 -12.66
N THR A 87 19.89 -2.33 -13.29
CA THR A 87 19.94 -3.41 -14.28
C THR A 87 19.58 -4.74 -13.61
N TRP A 88 18.90 -5.61 -14.36
CA TRP A 88 18.52 -6.89 -13.79
C TRP A 88 19.48 -8.03 -14.14
N ASP A 89 19.74 -8.85 -13.13
CA ASP A 89 20.62 -10.00 -13.22
C ASP A 89 20.50 -10.68 -14.57
N GLY A 90 19.38 -11.38 -14.74
CA GLY A 90 19.11 -12.12 -15.96
C GLY A 90 18.19 -13.24 -15.53
N THR A 91 17.87 -13.21 -14.24
CA THR A 91 16.99 -14.20 -13.63
C THR A 91 15.63 -14.20 -14.30
N GLN A 92 15.21 -15.38 -14.76
CA GLN A 92 13.92 -15.52 -15.42
C GLN A 92 12.85 -15.67 -14.34
N TYR A 93 12.32 -14.53 -13.85
CA TYR A 93 11.28 -14.57 -12.82
C TYR A 93 9.95 -14.99 -13.43
N PRO A 94 9.03 -15.53 -12.60
CA PRO A 94 7.70 -15.99 -13.05
C PRO A 94 6.85 -14.91 -13.72
N TYR A 95 7.32 -13.67 -13.71
CA TYR A 95 6.58 -12.56 -14.29
C TYR A 95 7.45 -11.81 -15.27
N LYS A 96 7.03 -11.79 -16.54
CA LYS A 96 7.81 -11.13 -17.59
C LYS A 96 8.15 -9.65 -17.38
N GLU A 97 7.39 -8.97 -16.52
CA GLU A 97 7.63 -7.55 -16.26
C GLU A 97 8.80 -7.29 -15.33
N TRP A 98 9.20 -8.32 -14.58
CA TRP A 98 10.32 -8.20 -13.66
C TRP A 98 11.61 -8.42 -14.45
N ASN A 99 11.49 -9.22 -15.51
CA ASN A 99 12.62 -9.60 -16.36
C ASN A 99 13.13 -8.53 -17.33
N GLN A 100 13.55 -7.39 -16.78
CA GLN A 100 14.07 -6.28 -17.58
C GLN A 100 14.58 -5.18 -16.66
N ASP A 101 15.35 -4.26 -17.22
CA ASP A 101 15.89 -3.16 -16.43
C ASP A 101 14.77 -2.39 -15.75
N GLN A 102 14.86 -2.28 -14.44
CA GLN A 102 13.83 -1.60 -13.68
C GLN A 102 14.16 -0.18 -13.30
N ASP A 103 13.12 0.52 -12.85
CA ASP A 103 13.22 1.90 -12.43
C ASP A 103 12.37 1.97 -11.17
N LEU A 104 12.58 2.98 -10.32
CA LEU A 104 11.75 3.11 -9.12
C LEU A 104 10.29 3.15 -9.58
N PHE A 105 10.02 4.00 -10.56
CA PHE A 105 8.69 4.17 -11.12
C PHE A 105 8.17 2.93 -11.84
N SER A 106 9.06 2.18 -12.50
CA SER A 106 8.60 0.98 -13.20
C SER A 106 8.41 -0.19 -12.20
N ALA A 107 9.26 -0.23 -11.17
CA ALA A 107 9.20 -1.28 -10.18
C ALA A 107 7.90 -1.22 -9.37
N MET A 108 7.43 0.00 -9.11
CA MET A 108 6.20 0.22 -8.37
C MET A 108 4.99 -0.24 -9.17
N SER A 109 4.85 0.28 -10.39
CA SER A 109 3.72 -0.07 -11.25
C SER A 109 3.65 -1.57 -11.43
N SER A 110 4.81 -2.17 -11.59
CA SER A 110 4.89 -3.60 -11.84
C SER A 110 5.12 -4.44 -10.58
N SER A 111 5.33 -3.79 -9.44
CA SER A 111 5.57 -4.52 -8.21
C SER A 111 6.75 -5.46 -8.44
N THR A 112 7.75 -4.98 -9.16
CA THR A 112 8.93 -5.78 -9.43
C THR A 112 9.61 -5.91 -8.08
N THR A 113 9.31 -7.01 -7.42
CA THR A 113 9.81 -7.30 -6.09
C THR A 113 11.32 -7.28 -5.93
N TRP A 114 12.06 -7.88 -6.87
CA TRP A 114 13.52 -7.91 -6.73
C TRP A 114 14.15 -6.53 -6.60
N TYR A 115 13.53 -5.53 -7.22
CA TYR A 115 14.04 -4.15 -7.17
C TYR A 115 14.10 -3.60 -5.74
N PHE A 116 12.99 -3.71 -5.02
CA PHE A 116 12.93 -3.21 -3.65
C PHE A 116 13.69 -4.12 -2.70
N GLN A 117 13.71 -5.41 -3.02
CA GLN A 117 14.43 -6.39 -2.20
C GLN A 117 15.93 -6.06 -2.19
N LYS A 118 16.50 -5.87 -3.37
CA LYS A 118 17.91 -5.56 -3.45
C LYS A 118 18.13 -4.16 -2.89
N LEU A 119 17.03 -3.44 -2.70
CA LEU A 119 17.07 -2.08 -2.16
C LEU A 119 17.10 -2.19 -0.64
N ASP A 120 16.33 -3.14 -0.12
CA ASP A 120 16.24 -3.38 1.33
C ASP A 120 17.52 -4.03 1.86
N ARG A 121 18.17 -4.82 1.02
CA ARG A 121 19.41 -5.50 1.40
C ARG A 121 20.59 -4.53 1.51
N GLN A 122 20.53 -3.45 0.73
CA GLN A 122 21.61 -2.47 0.74
C GLN A 122 21.54 -1.68 2.06
N ILE A 123 20.33 -1.49 2.56
CA ILE A 123 20.14 -0.75 3.80
C ILE A 123 20.45 -1.58 5.04
N GLY A 124 20.15 -2.88 4.99
CA GLY A 124 20.44 -3.75 6.11
C GLY A 124 19.37 -3.88 7.19
N GLU A 125 19.35 -5.04 7.86
CA GLU A 125 18.39 -5.33 8.91
C GLU A 125 18.40 -4.32 10.07
N ASP A 126 19.58 -3.94 10.51
CA ASP A 126 19.70 -2.99 11.60
C ASP A 126 18.98 -1.69 11.23
N HIS A 127 19.35 -1.08 10.10
CA HIS A 127 18.70 0.14 9.66
C HIS A 127 17.23 -0.10 9.29
N LEU A 128 16.91 -1.32 8.87
CA LEU A 128 15.55 -1.65 8.51
C LEU A 128 14.65 -1.68 9.73
N ARG A 129 15.04 -2.45 10.75
CA ARG A 129 14.25 -2.54 11.97
C ARG A 129 14.09 -1.17 12.60
N HIS A 130 15.15 -0.37 12.55
CA HIS A 130 15.13 0.98 13.11
C HIS A 130 14.02 1.80 12.46
N TYR A 131 13.91 1.64 11.14
CA TYR A 131 12.91 2.34 10.33
C TYR A 131 11.48 2.01 10.73
N LEU A 132 11.16 0.72 10.76
CA LEU A 132 9.82 0.28 11.13
C LEU A 132 9.44 0.88 12.47
N LYS A 133 10.42 1.06 13.34
CA LYS A 133 10.14 1.65 14.64
C LYS A 133 9.99 3.16 14.49
N SER A 134 10.83 3.78 13.66
CA SER A 134 10.75 5.22 13.49
C SER A 134 9.39 5.68 12.95
N ILE A 135 8.71 4.85 12.18
CA ILE A 135 7.40 5.26 11.66
C ILE A 135 6.29 4.40 12.25
N HIS A 136 6.64 3.58 13.25
CA HIS A 136 5.71 2.66 13.90
C HIS A 136 4.76 2.01 12.90
N TYR A 137 5.32 1.16 12.04
CA TYR A 137 4.57 0.46 11.03
C TYR A 137 4.03 -0.88 11.52
N GLY A 138 2.71 -0.94 11.71
CA GLY A 138 2.07 -2.16 12.16
C GLY A 138 2.67 -2.72 13.43
N ASN A 139 2.82 -4.03 13.48
CA ASN A 139 3.39 -4.67 14.65
C ASN A 139 4.88 -4.41 14.74
N GLU A 140 5.45 -3.82 13.68
CA GLU A 140 6.87 -3.50 13.63
C GLU A 140 7.79 -4.72 13.56
N ASP A 141 7.24 -5.93 13.46
CA ASP A 141 8.06 -7.13 13.42
C ASP A 141 8.87 -7.29 12.13
N PHE A 142 9.87 -8.17 12.18
CA PHE A 142 10.79 -8.37 11.05
C PHE A 142 11.51 -9.75 11.10
N SER A 143 11.63 -10.41 9.93
CA SER A 143 12.29 -11.71 9.86
C SER A 143 13.67 -11.54 9.21
N VAL A 144 13.68 -11.49 7.89
CA VAL A 144 14.91 -11.30 7.12
C VAL A 144 14.63 -10.21 6.07
N PRO A 145 15.64 -9.38 5.78
CA PRO A 145 15.51 -8.30 4.80
C PRO A 145 14.81 -8.64 3.50
N ALA A 146 14.97 -9.88 3.06
CA ALA A 146 14.38 -10.31 1.80
C ALA A 146 12.87 -10.46 1.77
N ASP A 147 12.25 -10.80 2.89
CA ASP A 147 10.80 -11.01 2.85
C ASP A 147 9.94 -10.67 4.08
N TYR A 148 10.46 -9.86 5.00
CA TYR A 148 9.71 -9.50 6.21
C TYR A 148 8.32 -8.93 5.93
N TRP A 149 8.15 -8.31 4.78
N TRP A 149 8.18 -8.31 4.77
CA TRP A 149 6.85 -7.72 4.45
CA TRP A 149 6.93 -7.69 4.36
C TRP A 149 5.97 -8.67 3.65
C TRP A 149 6.05 -8.63 3.54
N LEU A 150 6.46 -9.89 3.44
CA LEU A 150 5.72 -10.88 2.68
C LEU A 150 5.46 -12.16 3.44
N ASP A 151 6.42 -12.57 4.26
CA ASP A 151 6.30 -13.82 5.03
C ASP A 151 5.37 -13.78 6.24
N GLY A 152 4.83 -12.61 6.55
CA GLY A 152 3.91 -12.54 7.68
C GLY A 152 4.52 -12.18 9.01
N SER A 153 5.79 -11.78 9.01
CA SER A 153 6.44 -11.37 10.25
C SER A 153 5.89 -9.97 10.50
N LEU A 154 6.06 -9.08 9.52
CA LEU A 154 5.55 -7.72 9.62
C LEU A 154 4.07 -7.71 9.21
N GLN A 155 3.22 -7.14 10.04
CA GLN A 155 1.79 -7.07 9.75
C GLN A 155 1.22 -5.71 10.14
N ILE A 156 0.23 -5.25 9.38
CA ILE A 156 -0.42 -3.96 9.60
C ILE A 156 -1.89 -4.14 9.23
N SER A 157 -2.78 -3.39 9.89
CA SER A 157 -4.20 -3.51 9.62
C SER A 157 -4.66 -2.52 8.59
N PRO A 158 -5.80 -2.77 7.94
CA PRO A 158 -6.34 -1.85 6.93
C PRO A 158 -6.49 -0.44 7.52
N LEU A 159 -6.89 -0.39 8.79
CA LEU A 159 -7.08 0.86 9.51
C LEU A 159 -5.74 1.53 9.75
N GLU A 160 -4.75 0.73 10.15
CA GLU A 160 -3.40 1.25 10.38
C GLU A 160 -2.82 1.78 9.07
N GLN A 161 -3.09 1.08 7.97
CA GLN A 161 -2.60 1.51 6.67
C GLN A 161 -3.08 2.95 6.38
N VAL A 162 -4.39 3.20 6.54
CA VAL A 162 -4.97 4.52 6.29
C VAL A 162 -4.32 5.59 7.17
N ASN A 163 -4.19 5.31 8.47
CA ASN A 163 -3.61 6.30 9.37
C ASN A 163 -2.16 6.64 9.03
N ILE A 164 -1.35 5.64 8.68
CA ILE A 164 0.05 5.91 8.36
C ILE A 164 0.18 6.51 6.95
N LEU A 165 -0.74 6.15 6.05
CA LEU A 165 -0.72 6.73 4.70
C LEU A 165 -0.94 8.25 4.82
N LYS A 166 -1.75 8.68 5.78
CA LYS A 166 -2.03 10.11 5.99
C LYS A 166 -0.78 10.79 6.57
N LYS A 167 -0.12 10.10 7.50
CA LYS A 167 1.11 10.63 8.09
C LYS A 167 2.17 10.82 6.99
N PHE A 168 2.15 9.94 6.00
CA PHE A 168 3.08 10.01 4.88
C PHE A 168 2.72 11.20 3.98
N TYR A 169 1.44 11.26 3.62
CA TYR A 169 0.92 12.32 2.77
C TYR A 169 1.18 13.69 3.38
N ASP A 170 0.83 13.85 4.66
CA ASP A 170 1.02 15.10 5.38
C ASP A 170 2.48 15.32 5.79
N ASN A 171 3.25 14.24 5.78
CA ASN A 171 4.65 14.27 6.15
C ASN A 171 4.84 14.61 7.63
N GLU A 172 4.09 13.93 8.50
CA GLU A 172 4.21 14.12 9.94
C GLU A 172 5.48 13.41 10.41
N PHE A 173 6.06 12.60 9.52
CA PHE A 173 7.28 11.87 9.81
C PHE A 173 8.50 12.75 9.49
N ASP A 174 8.22 13.95 8.99
CA ASP A 174 9.25 14.93 8.66
C ASP A 174 10.44 14.39 7.87
N PHE A 175 10.19 13.92 6.65
CA PHE A 175 11.23 13.43 5.77
C PHE A 175 11.49 14.55 4.77
N LYS A 176 12.60 14.47 4.04
CA LYS A 176 12.88 15.52 3.06
C LYS A 176 11.66 15.65 2.14
N GLN A 177 11.15 16.87 2.03
CA GLN A 177 9.99 17.18 1.21
C GLN A 177 10.11 16.56 -0.18
N SER A 178 11.33 16.56 -0.72
CA SER A 178 11.62 16.02 -2.03
C SER A 178 11.32 14.53 -2.20
N ASN A 179 11.66 13.73 -1.20
CA ASN A 179 11.43 12.29 -1.28
C ASN A 179 9.96 11.92 -1.19
N ILE A 180 9.21 12.64 -0.37
CA ILE A 180 7.78 12.41 -0.21
C ILE A 180 7.13 12.57 -1.60
N GLU A 181 7.45 13.69 -2.24
CA GLU A 181 6.93 14.01 -3.56
C GLU A 181 7.29 12.92 -4.57
N THR A 182 8.50 12.37 -4.43
CA THR A 182 8.97 11.32 -5.32
C THR A 182 8.16 10.04 -5.15
N VAL A 183 7.90 9.65 -3.90
CA VAL A 183 7.12 8.45 -3.63
C VAL A 183 5.68 8.69 -4.05
N LYS A 184 5.24 9.94 -3.94
CA LYS A 184 3.88 10.30 -4.31
C LYS A 184 3.67 10.09 -5.80
N ASP A 185 4.64 10.50 -6.62
CA ASP A 185 4.53 10.33 -8.07
C ASP A 185 4.61 8.86 -8.47
N SER A 186 5.40 8.08 -7.75
CA SER A 186 5.55 6.66 -8.07
C SER A 186 4.24 5.89 -7.99
N ILE A 187 3.31 6.37 -7.16
CA ILE A 187 2.03 5.69 -6.99
C ILE A 187 0.80 6.43 -7.54
N ARG A 188 1.00 7.61 -8.11
CA ARG A 188 -0.11 8.37 -8.70
C ARG A 188 -0.59 7.56 -9.89
N LEU A 189 -1.85 7.16 -9.90
CA LEU A 189 -2.39 6.34 -10.98
C LEU A 189 -3.17 7.03 -12.11
N GLU A 190 -4.18 7.82 -11.75
CA GLU A 190 -5.03 8.50 -12.72
C GLU A 190 -5.51 9.87 -12.21
N GLU A 191 -6.18 10.59 -13.10
CA GLU A 191 -6.75 11.89 -12.76
C GLU A 191 -7.99 12.10 -13.59
N SER A 192 -9.15 12.07 -12.95
CA SER A 192 -10.42 12.27 -13.64
C SER A 192 -11.13 13.47 -13.06
N ASN A 193 -12.22 13.89 -13.70
CA ASN A 193 -13.00 15.04 -13.26
C ASN A 193 -12.08 16.14 -12.72
N GLY A 194 -11.79 16.07 -11.42
CA GLY A 194 -10.90 17.04 -10.79
C GLY A 194 -10.21 16.33 -9.63
N ARG A 195 -10.24 15.00 -9.68
CA ARG A 195 -9.66 14.17 -8.65
C ARG A 195 -8.47 13.36 -9.12
N VAL A 196 -7.48 13.21 -8.24
CA VAL A 196 -6.29 12.43 -8.55
C VAL A 196 -6.25 11.17 -7.70
N LEU A 197 -6.13 10.02 -8.35
CA LEU A 197 -6.08 8.74 -7.66
C LEU A 197 -4.64 8.23 -7.50
N SER A 198 -4.28 7.87 -6.27
CA SER A 198 -2.98 7.32 -5.95
C SER A 198 -3.28 6.00 -5.22
N GLY A 199 -2.45 4.98 -5.43
CA GLY A 199 -2.67 3.71 -4.77
C GLY A 199 -1.62 2.65 -5.08
N LYS A 200 -1.71 1.52 -4.38
CA LYS A 200 -0.78 0.42 -4.58
C LYS A 200 -1.39 -0.91 -4.17
N THR A 201 -1.26 -1.91 -5.05
CA THR A 201 -1.81 -3.24 -4.80
C THR A 201 -0.86 -4.15 -4.03
N GLY A 202 -1.43 -5.22 -3.50
CA GLY A 202 -0.66 -6.20 -2.76
C GLY A 202 -1.32 -7.56 -2.89
N THR A 203 -0.52 -8.59 -3.12
CA THR A 203 -1.04 -9.95 -3.23
C THR A 203 -0.22 -10.92 -2.40
N SER A 204 -0.91 -11.83 -1.72
CA SER A 204 -0.26 -12.84 -0.89
C SER A 204 -1.03 -14.16 -0.97
N VAL A 205 -0.29 -15.26 -0.87
CA VAL A 205 -0.90 -16.59 -0.92
C VAL A 205 -1.16 -17.12 0.49
N ILE A 206 -2.19 -17.31 0.91
CA ILE A 206 -2.43 -17.68 2.30
C ILE A 206 -2.54 -19.20 2.54
N ASN A 207 -2.61 -19.99 1.47
CA ASN A 207 -2.70 -21.45 1.60
C ASN A 207 -2.51 -22.15 0.25
N GLY A 208 -3.56 -22.36 0.49
CA GLY A 208 -3.45 -22.93 -0.85
C GLY A 208 -4.14 -22.09 -1.90
N GLU A 209 -5.25 -22.59 -2.42
CA GLU A 209 -6.01 -21.87 -3.45
C GLU A 209 -6.84 -20.75 -2.84
N LEU A 210 -6.27 -20.10 -1.83
CA LEU A 210 -6.94 -18.99 -1.16
C LEU A 210 -5.93 -17.84 -1.04
N HIS A 211 -6.15 -16.79 -1.81
CA HIS A 211 -5.25 -15.64 -1.81
C HIS A 211 -5.77 -14.41 -1.09
N ALA A 212 -4.83 -13.53 -0.73
CA ALA A 212 -5.16 -12.28 -0.04
C ALA A 212 -4.77 -11.12 -0.92
N GLY A 213 -5.55 -10.04 -0.86
CA GLY A 213 -5.26 -8.88 -1.67
C GLY A 213 -5.39 -7.55 -0.94
N TRP A 214 -4.52 -6.61 -1.31
CA TRP A 214 -4.51 -5.28 -0.72
C TRP A 214 -4.58 -4.19 -1.78
N PHE A 215 -5.24 -3.09 -1.43
CA PHE A 215 -5.29 -1.93 -2.28
C PHE A 215 -5.51 -0.74 -1.36
N ILE A 216 -4.44 0.02 -1.17
CA ILE A 216 -4.46 1.18 -0.30
C ILE A 216 -4.08 2.40 -1.13
N GLY A 217 -4.37 3.58 -0.59
CA GLY A 217 -4.04 4.79 -1.31
C GLY A 217 -4.95 5.93 -0.90
N TYR A 218 -5.03 6.95 -1.74
CA TYR A 218 -5.88 8.08 -1.42
C TYR A 218 -6.38 8.81 -2.66
N VAL A 219 -7.38 9.65 -2.47
CA VAL A 219 -7.95 10.43 -3.55
C VAL A 219 -7.79 11.89 -3.17
N GLU A 220 -7.20 12.67 -4.07
CA GLU A 220 -7.02 14.08 -3.80
C GLU A 220 -8.00 14.90 -4.61
N THR A 221 -8.84 15.68 -3.92
CA THR A 221 -9.78 16.55 -4.60
C THR A 221 -9.28 17.99 -4.45
N ALA A 222 -10.08 18.94 -4.92
CA ALA A 222 -9.70 20.34 -4.88
C ALA A 222 -9.73 20.90 -3.47
N ASP A 223 -10.56 20.32 -2.60
CA ASP A 223 -10.65 20.82 -1.24
C ASP A 223 -10.61 19.73 -0.17
N ASN A 224 -10.32 18.50 -0.56
CA ASN A 224 -10.29 17.40 0.39
C ASN A 224 -9.36 16.25 -0.04
N THR A 225 -9.10 15.34 0.89
CA THR A 225 -8.26 14.17 0.62
C THR A 225 -8.86 12.96 1.32
N PHE A 226 -9.06 11.91 0.56
CA PHE A 226 -9.64 10.69 1.09
C PHE A 226 -8.61 9.59 1.14
N PHE A 227 -8.45 8.98 2.31
CA PHE A 227 -7.50 7.88 2.47
C PHE A 227 -8.30 6.60 2.60
N PHE A 228 -7.88 5.56 1.86
CA PHE A 228 -8.61 4.30 1.88
C PHE A 228 -7.70 3.06 1.86
N ALA A 229 -8.26 1.95 2.34
CA ALA A 229 -7.54 0.69 2.37
C ALA A 229 -8.57 -0.43 2.33
N VAL A 230 -8.34 -1.37 1.43
CA VAL A 230 -9.21 -2.52 1.28
C VAL A 230 -8.35 -3.76 1.40
N HIS A 231 -8.80 -4.73 2.19
CA HIS A 231 -8.07 -5.98 2.32
C HIS A 231 -9.05 -7.10 2.07
N ILE A 232 -8.67 -8.04 1.20
CA ILE A 232 -9.54 -9.16 0.86
C ILE A 232 -8.93 -10.55 1.00
N GLN A 233 -9.80 -11.55 0.92
CA GLN A 233 -9.39 -12.95 1.01
C GLN A 233 -10.42 -13.74 0.21
N GLY A 234 -9.97 -14.50 -0.77
CA GLY A 234 -10.89 -15.27 -1.58
C GLY A 234 -10.14 -16.23 -2.48
N GLU A 235 -10.83 -16.79 -3.47
CA GLU A 235 -10.20 -17.71 -4.40
C GLU A 235 -9.66 -17.05 -5.67
N LYS A 236 -9.66 -15.72 -5.70
CA LYS A 236 -9.15 -14.98 -6.85
C LYS A 236 -7.63 -15.02 -6.85
N ARG A 237 -7.05 -15.52 -7.94
CA ARG A 237 -5.60 -15.61 -8.06
C ARG A 237 -4.95 -14.24 -7.93
N ALA A 238 -5.47 -13.26 -8.67
CA ALA A 238 -4.93 -11.91 -8.62
C ALA A 238 -5.74 -11.10 -7.61
N ALA A 239 -5.50 -11.37 -6.34
CA ALA A 239 -6.20 -10.71 -5.26
C ALA A 239 -5.93 -9.20 -5.24
N GLY A 240 -4.71 -8.79 -5.60
CA GLY A 240 -4.40 -7.37 -5.61
C GLY A 240 -5.28 -6.59 -6.58
N SER A 241 -5.55 -7.17 -7.74
CA SER A 241 -6.37 -6.52 -8.75
C SER A 241 -7.82 -6.49 -8.30
N SER A 242 -8.30 -7.61 -7.78
CA SER A 242 -9.66 -7.70 -7.32
C SER A 242 -9.94 -6.75 -6.18
N ALA A 243 -8.98 -6.58 -5.29
CA ALA A 243 -9.15 -5.66 -4.17
C ALA A 243 -9.18 -4.22 -4.68
N ALA A 244 -8.42 -3.93 -5.72
CA ALA A 244 -8.41 -2.59 -6.29
C ALA A 244 -9.77 -2.33 -6.90
N GLU A 245 -10.24 -3.29 -7.70
CA GLU A 245 -11.53 -3.19 -8.34
C GLU A 245 -12.63 -2.97 -7.31
N ILE A 246 -12.59 -3.72 -6.21
CA ILE A 246 -13.58 -3.57 -5.15
C ILE A 246 -13.54 -2.16 -4.56
N ALA A 247 -12.36 -1.74 -4.11
CA ALA A 247 -12.20 -0.41 -3.54
C ALA A 247 -12.73 0.65 -4.50
N LEU A 248 -12.41 0.48 -5.76
CA LEU A 248 -12.80 1.41 -6.81
C LEU A 248 -14.31 1.48 -7.06
N SER A 249 -14.99 0.35 -6.98
CA SER A 249 -16.43 0.34 -7.18
C SER A 249 -17.05 1.05 -5.99
N ILE A 250 -16.55 0.75 -4.80
CA ILE A 250 -17.07 1.41 -3.60
C ILE A 250 -16.79 2.90 -3.66
N LEU A 251 -15.57 3.27 -4.07
CA LEU A 251 -15.20 4.68 -4.18
C LEU A 251 -16.11 5.42 -5.14
N ASP A 252 -16.46 4.73 -6.23
CA ASP A 252 -17.32 5.29 -7.25
C ASP A 252 -18.77 5.28 -6.79
N LYS A 253 -19.06 4.47 -5.77
CA LYS A 253 -20.41 4.38 -5.23
C LYS A 253 -20.72 5.56 -4.32
N LYS A 254 -19.71 6.06 -3.63
CA LYS A 254 -19.89 7.20 -2.75
C LYS A 254 -19.45 8.46 -3.45
N GLY A 255 -19.36 8.40 -4.78
CA GLY A 255 -18.97 9.56 -5.56
C GLY A 255 -17.64 10.19 -5.24
N ILE A 256 -16.75 9.47 -4.57
CA ILE A 256 -15.42 10.02 -4.24
C ILE A 256 -14.47 9.97 -5.44
N TYR A 257 -14.54 8.89 -6.21
CA TYR A 257 -13.71 8.78 -7.41
C TYR A 257 -14.51 8.14 -8.55
N PRO A 258 -14.81 8.94 -9.60
CA PRO A 258 -15.57 8.54 -10.80
C PRO A 258 -15.10 7.26 -11.50
#